data_3B9V
#
_entry.id   3B9V
#
_cell.length_a   50.915
_cell.length_b   54.066
_cell.length_c   54.242
_cell.angle_alpha   109.970
_cell.angle_beta   95.640
_cell.angle_gamma   118.650
#
_symmetry.space_group_name_H-M   'P 1'
#
loop_
_entity.id
_entity.type
_entity.pdbx_description
1 polymer 'heavy chain variable domain'
2 water water
#
_entity_poly.entity_id   1
_entity_poly.type   'polypeptide(L)'
_entity_poly.pdbx_seq_one_letter_code
;EVQLVESGGGLVQPGGSLRLSCAASGFNIKDTYIGWVRRAPGKGEEWVASIYPTNGYTRYADSVKGRFTISADTSKNTAY
LQMNSLRAEDTAVYYCARWGGDGFYAMDYWGQGTLVTVSS
;
_entity_poly.pdbx_strand_id   A,B,C,D
#
# COMPACT_ATOMS: atom_id res chain seq x y z
N GLU A 1 -18.53 24.62 -17.10
CA GLU A 1 -18.30 25.09 -15.71
C GLU A 1 -17.82 23.92 -14.85
N VAL A 2 -17.10 24.28 -13.80
CA VAL A 2 -16.64 23.31 -12.83
C VAL A 2 -17.82 22.71 -12.07
N GLN A 3 -17.79 21.39 -11.86
CA GLN A 3 -18.75 20.71 -10.99
C GLN A 3 -17.98 19.67 -10.17
N LEU A 4 -18.50 19.34 -9.00
CA LEU A 4 -17.93 18.27 -8.14
C LEU A 4 -19.03 17.28 -8.03
N VAL A 5 -18.75 16.04 -8.45
CA VAL A 5 -19.74 14.96 -8.56
C VAL A 5 -19.50 14.03 -7.37
N GLU A 6 -20.36 14.09 -6.38
CA GLU A 6 -20.13 13.42 -5.10
C GLU A 6 -21.01 12.21 -4.87
N SER A 7 -20.43 11.20 -4.25
CA SER A 7 -21.15 9.94 -3.94
C SER A 7 -20.51 9.23 -2.76
N GLY A 8 -21.17 8.17 -2.28
CA GLY A 8 -20.59 7.31 -1.27
C GLY A 8 -21.13 7.44 0.15
N GLY A 9 -22.17 8.23 0.34
CA GLY A 9 -22.68 8.32 1.70
C GLY A 9 -23.45 7.06 2.04
N GLY A 10 -23.91 6.99 3.27
CA GLY A 10 -24.70 5.89 3.63
C GLY A 10 -24.99 5.88 5.11
N LEU A 11 -25.45 4.73 5.57
CA LEU A 11 -25.85 4.54 6.94
C LEU A 11 -25.15 3.29 7.49
N VAL A 12 -24.37 3.48 8.56
CA VAL A 12 -23.65 2.37 9.21
C VAL A 12 -23.75 2.53 10.72
N GLN A 13 -23.34 1.50 11.44
CA GLN A 13 -23.26 1.61 12.89
C GLN A 13 -21.90 2.11 13.30
N PRO A 14 -21.79 2.63 14.54
CA PRO A 14 -20.47 3.03 14.99
C PRO A 14 -19.49 1.89 14.84
N GLY A 15 -18.27 2.21 14.41
CA GLY A 15 -17.27 1.19 14.09
C GLY A 15 -17.19 0.82 12.62
N GLY A 16 -18.23 1.19 11.85
CA GLY A 16 -18.33 0.82 10.44
C GLY A 16 -17.53 1.77 9.56
N SER A 17 -17.57 1.51 8.27
CA SER A 17 -16.82 2.27 7.29
C SER A 17 -17.69 2.69 6.13
N LEU A 18 -17.32 3.83 5.52
CA LEU A 18 -17.83 4.26 4.22
C LEU A 18 -16.68 4.81 3.37
N ARG A 19 -16.90 5.00 2.07
CA ARG A 19 -15.91 5.69 1.23
C ARG A 19 -16.65 6.71 0.40
N LEU A 20 -16.26 7.97 0.51
CA LEU A 20 -16.82 9.03 -0.29
C LEU A 20 -15.99 9.17 -1.54
N SER A 21 -16.64 9.57 -2.61
CA SER A 21 -16.00 9.83 -3.90
CA SER A 21 -15.96 9.85 -3.87
C SER A 21 -16.35 11.23 -4.39
N CYS A 22 -15.38 11.91 -4.96
CA CYS A 22 -15.62 13.22 -5.56
C CYS A 22 -14.98 13.20 -6.94
N ALA A 23 -15.81 13.15 -7.98
CA ALA A 23 -15.31 13.20 -9.35
C ALA A 23 -15.38 14.62 -9.89
N ALA A 24 -14.27 15.07 -10.42
CA ALA A 24 -14.18 16.39 -11.01
C ALA A 24 -14.82 16.42 -12.37
N SER A 25 -15.52 17.51 -12.62
CA SER A 25 -16.06 17.83 -13.92
C SER A 25 -15.68 19.26 -14.23
N GLY A 26 -15.14 19.51 -15.43
CA GLY A 26 -14.75 20.84 -15.85
C GLY A 26 -13.35 21.26 -15.46
N PHE A 27 -12.63 20.35 -14.80
CA PHE A 27 -11.25 20.56 -14.43
C PHE A 27 -10.57 19.21 -14.20
N ASN A 28 -9.23 19.23 -14.11
CA ASN A 28 -8.40 18.08 -13.75
C ASN A 28 -7.93 18.21 -12.30
N ILE A 29 -8.04 17.15 -11.54
CA ILE A 29 -7.66 17.20 -10.10
C ILE A 29 -6.16 17.40 -9.90
N LYS A 30 -5.35 17.11 -10.91
CA LYS A 30 -3.91 17.41 -10.88
C LYS A 30 -3.59 18.91 -10.68
N ASP A 31 -4.50 19.78 -11.09
CA ASP A 31 -4.29 21.22 -11.02
C ASP A 31 -4.73 21.87 -9.70
N THR A 32 -4.79 21.13 -8.59
CA THR A 32 -5.56 21.63 -7.47
C THR A 32 -5.37 20.89 -6.17
N TYR A 33 -5.75 21.55 -5.07
CA TYR A 33 -5.99 20.86 -3.82
C TYR A 33 -7.47 20.53 -3.79
N ILE A 34 -7.79 19.31 -3.40
CA ILE A 34 -9.16 18.84 -3.37
C ILE A 34 -9.36 18.09 -2.06
N GLY A 35 -10.57 18.10 -1.55
CA GLY A 35 -10.80 17.48 -0.23
C GLY A 35 -12.23 17.69 0.21
N TRP A 36 -12.46 17.52 1.53
CA TRP A 36 -13.77 17.49 2.10
C TRP A 36 -13.90 18.42 3.29
N VAL A 37 -15.09 18.99 3.42
CA VAL A 37 -15.55 19.62 4.65
C VAL A 37 -16.86 18.96 5.02
N ARG A 38 -17.28 19.14 6.26
CA ARG A 38 -18.58 18.58 6.68
C ARG A 38 -19.34 19.58 7.51
N ARG A 39 -20.64 19.43 7.44
CA ARG A 39 -21.58 20.25 8.15
C ARG A 39 -22.40 19.31 9.01
N ALA A 40 -22.08 19.29 10.30
CA ALA A 40 -22.84 18.55 11.26
C ALA A 40 -23.91 19.45 11.88
N PRO A 41 -24.97 18.84 12.42
CA PRO A 41 -26.05 19.58 13.04
C PRO A 41 -25.53 20.57 14.08
N GLY A 42 -25.98 21.83 14.01
CA GLY A 42 -25.64 22.85 15.01
C GLY A 42 -24.27 23.51 14.87
N LYS A 43 -23.49 23.09 13.88
CA LYS A 43 -22.13 23.57 13.70
C LYS A 43 -21.97 24.32 12.38
N GLY A 44 -20.89 25.11 12.28
CA GLY A 44 -20.42 25.63 11.01
C GLY A 44 -19.70 24.53 10.24
N GLU A 45 -19.03 24.90 9.14
CA GLU A 45 -18.29 23.92 8.35
C GLU A 45 -17.09 23.49 9.17
N GLU A 46 -16.70 22.23 9.01
CA GLU A 46 -15.43 21.74 9.56
C GLU A 46 -14.63 21.12 8.45
N TRP A 47 -13.43 21.62 8.22
CA TRP A 47 -12.54 20.98 7.27
C TRP A 47 -12.10 19.62 7.81
N VAL A 48 -12.07 18.62 6.92
CA VAL A 48 -11.79 17.23 7.27
C VAL A 48 -10.41 16.81 6.76
N ALA A 49 -10.21 16.94 5.45
CA ALA A 49 -8.98 16.44 4.79
C ALA A 49 -8.80 16.99 3.39
N SER A 50 -7.55 17.12 2.97
CA SER A 50 -7.20 17.63 1.63
C SER A 50 -6.04 16.84 1.06
N ILE A 51 -5.98 16.80 -0.26
CA ILE A 51 -4.89 16.17 -0.97
C ILE A 51 -4.50 17.00 -2.18
N TYR A 52 -3.22 16.95 -2.53
CA TYR A 52 -2.69 17.56 -3.76
C TYR A 52 -2.29 16.39 -4.63
N PRO A 53 -3.17 15.99 -5.54
CA PRO A 53 -2.94 14.74 -6.30
C PRO A 53 -1.66 14.62 -7.12
N THR A 54 -1.09 15.74 -7.55
CA THR A 54 0.16 15.73 -8.30
C THR A 54 1.29 14.98 -7.58
N ASN A 55 1.43 15.22 -6.28
CA ASN A 55 2.47 14.54 -5.51
C ASN A 55 1.94 13.70 -4.35
N GLY A 56 0.62 13.74 -4.13
CA GLY A 56 0.03 12.93 -3.09
C GLY A 56 0.03 13.51 -1.70
N TYR A 57 0.53 14.73 -1.56
CA TYR A 57 0.51 15.45 -0.27
C TYR A 57 -0.88 15.44 0.34
N THR A 58 -0.98 15.07 1.61
CA THR A 58 -2.26 15.07 2.33
C THR A 58 -2.12 15.82 3.67
N ARG A 59 -3.24 16.28 4.21
CA ARG A 59 -3.34 16.87 5.51
C ARG A 59 -4.74 16.57 6.05
N TYR A 60 -4.80 16.34 7.37
CA TYR A 60 -6.04 15.94 8.02
C TYR A 60 -6.31 16.82 9.23
N ALA A 61 -7.60 17.08 9.50
CA ALA A 61 -8.03 17.63 10.77
C ALA A 61 -7.73 16.66 11.91
N ASP A 62 -7.36 17.18 13.07
CA ASP A 62 -7.06 16.31 14.23
C ASP A 62 -8.21 15.36 14.58
N SER A 63 -9.44 15.81 14.35
CA SER A 63 -10.63 15.03 14.69
C SER A 63 -10.82 13.72 13.95
N VAL A 64 -10.07 13.53 12.88
CA VAL A 64 -10.24 12.35 12.01
C VAL A 64 -8.92 11.60 11.77
N LYS A 65 -7.81 12.14 12.24
CA LYS A 65 -6.52 11.51 12.08
C LYS A 65 -6.53 10.09 12.62
N GLY A 66 -6.00 9.17 11.80
CA GLY A 66 -5.85 7.78 12.19
C GLY A 66 -7.08 6.94 11.84
N ARG A 67 -8.16 7.60 11.44
CA ARG A 67 -9.41 6.93 11.07
C ARG A 67 -9.79 7.16 9.61
N PHE A 68 -9.55 8.36 9.07
CA PHE A 68 -9.89 8.66 7.69
C PHE A 68 -8.61 8.70 6.86
N THR A 69 -8.72 8.32 5.58
CA THR A 69 -7.62 8.41 4.67
C THR A 69 -8.14 9.00 3.37
N ILE A 70 -7.43 10.02 2.90
CA ILE A 70 -7.77 10.64 1.62
C ILE A 70 -6.80 10.21 0.53
N SER A 71 -7.33 10.00 -0.66
CA SER A 71 -6.53 9.46 -1.76
C SER A 71 -7.09 9.97 -3.06
N ALA A 72 -6.34 9.77 -4.13
CA ALA A 72 -6.84 10.23 -5.42
C ALA A 72 -6.39 9.26 -6.51
N ASP A 73 -7.20 9.13 -7.55
CA ASP A 73 -6.88 8.33 -8.73
C ASP A 73 -6.93 9.31 -9.87
N THR A 74 -5.77 9.77 -10.32
CA THR A 74 -5.73 10.77 -11.37
C THR A 74 -6.29 10.22 -12.69
N SER A 75 -6.19 8.91 -12.91
CA SER A 75 -6.70 8.28 -14.16
C SER A 75 -8.24 8.29 -14.19
N LYS A 76 -8.87 8.44 -13.01
CA LYS A 76 -10.32 8.60 -12.92
C LYS A 76 -10.73 10.02 -12.64
N ASN A 77 -9.74 10.90 -12.48
CA ASN A 77 -10.00 12.28 -12.15
C ASN A 77 -10.95 12.39 -10.96
N THR A 78 -10.67 11.56 -9.96
CA THR A 78 -11.58 11.38 -8.81
C THR A 78 -10.74 11.30 -7.52
N ALA A 79 -11.24 11.89 -6.43
CA ALA A 79 -10.66 11.74 -5.11
C ALA A 79 -11.59 10.94 -4.21
N TYR A 80 -11.01 10.36 -3.16
CA TYR A 80 -11.72 9.46 -2.27
C TYR A 80 -11.42 9.77 -0.81
N LEU A 81 -12.41 9.57 0.03
CA LEU A 81 -12.19 9.63 1.47
C LEU A 81 -12.69 8.33 2.10
N GLN A 82 -11.74 7.51 2.54
CA GLN A 82 -12.05 6.26 3.24
C GLN A 82 -12.23 6.63 4.71
N MET A 83 -13.40 6.33 5.26
CA MET A 83 -13.74 6.64 6.64
C MET A 83 -13.92 5.32 7.38
N ASN A 84 -12.95 4.97 8.21
CA ASN A 84 -13.01 3.77 9.06
C ASN A 84 -13.32 4.22 10.48
N SER A 85 -13.73 3.27 11.31
CA SER A 85 -13.93 3.53 12.76
C SER A 85 -14.85 4.73 12.98
N LEU A 86 -15.96 4.75 12.25
CA LEU A 86 -16.87 5.87 12.32
C LEU A 86 -17.52 5.94 13.70
N ARG A 87 -17.73 7.17 14.16
CA ARG A 87 -18.37 7.46 15.40
C ARG A 87 -19.66 8.22 15.13
N ALA A 88 -20.57 8.19 16.08
CA ALA A 88 -21.80 8.94 15.94
C ALA A 88 -21.55 10.40 15.62
N GLU A 89 -20.53 11.00 16.20
CA GLU A 89 -20.27 12.42 15.98
C GLU A 89 -19.71 12.72 14.57
N ASP A 90 -19.47 11.69 13.77
CA ASP A 90 -19.07 11.88 12.36
C ASP A 90 -20.29 12.09 11.44
N THR A 91 -21.49 11.90 11.97
CA THR A 91 -22.73 12.13 11.22
C THR A 91 -22.79 13.58 10.77
N ALA A 92 -22.94 13.76 9.46
CA ALA A 92 -22.93 15.09 8.88
C ALA A 92 -23.20 14.95 7.40
N VAL A 93 -23.45 16.07 6.74
CA VAL A 93 -23.34 16.09 5.28
C VAL A 93 -21.91 16.49 4.94
N TYR A 94 -21.30 15.72 4.05
CA TYR A 94 -19.90 15.90 3.63
C TYR A 94 -19.90 16.49 2.24
N TYR A 95 -19.14 17.55 2.07
CA TYR A 95 -19.01 18.25 0.76
C TYR A 95 -17.61 18.22 0.26
N CYS A 96 -17.45 17.88 -1.02
CA CYS A 96 -16.17 18.03 -1.68
C CYS A 96 -15.91 19.51 -1.98
N ALA A 97 -14.66 19.91 -1.94
CA ALA A 97 -14.26 21.29 -2.16
C ALA A 97 -12.92 21.32 -2.89
N ARG A 98 -12.67 22.37 -3.66
CA ARG A 98 -11.36 22.70 -4.18
C ARG A 98 -10.78 23.88 -3.38
N TRP A 99 -9.47 23.85 -3.11
CA TRP A 99 -8.80 24.99 -2.53
C TRP A 99 -7.65 25.37 -3.45
N GLY A 100 -7.34 26.66 -3.47
CA GLY A 100 -6.14 27.10 -4.16
C GLY A 100 -4.93 26.98 -3.29
N GLY A 101 -3.80 27.38 -3.86
CA GLY A 101 -2.54 27.40 -3.14
C GLY A 101 -2.48 28.40 -2.01
N ASP A 102 -3.54 29.17 -1.84
CA ASP A 102 -3.68 30.09 -0.72
C ASP A 102 -4.50 29.50 0.43
N GLY A 103 -4.92 28.25 0.29
CA GLY A 103 -5.71 27.59 1.33
C GLY A 103 -7.13 28.00 1.39
N PHE A 104 -7.56 28.82 0.43
CA PHE A 104 -8.92 29.33 0.39
C PHE A 104 -9.72 28.66 -0.73
N TYR A 105 -11.02 28.49 -0.49
CA TYR A 105 -11.93 27.89 -1.44
C TYR A 105 -11.72 28.42 -2.86
N ALA A 106 -11.76 27.49 -3.83
CA ALA A 106 -11.52 27.78 -5.25
C ALA A 106 -12.58 27.14 -6.14
N MET A 107 -13.83 27.03 -5.65
CA MET A 107 -14.97 26.77 -6.54
C MET A 107 -16.07 27.81 -6.29
N ASP A 108 -16.97 27.97 -7.27
CA ASP A 108 -18.01 29.02 -7.22
C ASP A 108 -19.24 28.59 -6.43
N TYR A 109 -19.55 27.29 -6.47
CA TYR A 109 -20.77 26.74 -5.86
C TYR A 109 -20.48 25.44 -5.12
N TRP A 110 -21.23 25.20 -4.05
CA TRP A 110 -21.16 23.92 -3.34
C TRP A 110 -21.92 22.92 -4.19
N GLY A 111 -21.45 21.68 -4.16
CA GLY A 111 -22.21 20.57 -4.71
C GLY A 111 -23.31 20.23 -3.75
N GLN A 112 -23.99 19.14 -4.02
CA GLN A 112 -25.14 18.82 -3.20
CA GLN A 112 -25.14 18.63 -3.30
C GLN A 112 -24.77 18.05 -1.94
N GLY A 113 -23.54 17.54 -1.86
CA GLY A 113 -23.11 16.90 -0.62
C GLY A 113 -23.55 15.45 -0.56
N THR A 114 -22.96 14.72 0.37
CA THR A 114 -23.36 13.35 0.59
CA THR A 114 -23.21 13.32 0.61
C THR A 114 -23.50 13.10 2.10
N LEU A 115 -24.61 12.48 2.44
CA LEU A 115 -24.97 12.25 3.84
C LEU A 115 -24.31 11.00 4.39
N VAL A 116 -23.68 11.15 5.56
CA VAL A 116 -23.10 10.06 6.31
C VAL A 116 -23.83 10.02 7.64
N THR A 117 -24.47 8.91 7.90
CA THR A 117 -25.20 8.73 9.16
C THR A 117 -24.58 7.58 9.93
N VAL A 118 -24.18 7.84 11.16
CA VAL A 118 -23.59 6.78 12.01
C VAL A 118 -24.46 6.64 13.23
N SER A 119 -25.19 5.53 13.30
CA SER A 119 -26.10 5.29 14.44
C SER A 119 -26.38 3.83 14.76
N GLU B 1 13.23 21.55 -23.03
CA GLU B 1 12.93 21.79 -21.59
C GLU B 1 13.45 20.63 -20.75
N VAL B 2 14.27 20.95 -19.74
CA VAL B 2 14.71 19.96 -18.77
C VAL B 2 13.54 19.58 -17.88
N GLN B 3 13.32 18.28 -17.74
CA GLN B 3 12.29 17.74 -16.84
C GLN B 3 12.82 16.58 -16.00
N LEU B 4 12.27 16.45 -14.82
CA LEU B 4 12.58 15.34 -13.90
CA LEU B 4 12.60 15.34 -13.90
C LEU B 4 11.29 14.59 -13.63
N VAL B 5 11.26 13.32 -14.05
CA VAL B 5 10.07 12.43 -14.04
C VAL B 5 10.30 11.47 -12.88
N GLU B 6 9.49 11.58 -11.85
CA GLU B 6 9.64 10.80 -10.63
C GLU B 6 8.65 9.67 -10.49
N SER B 7 9.03 8.62 -9.77
CA SER B 7 8.10 7.57 -9.43
C SER B 7 8.47 6.92 -8.13
N GLY B 8 7.50 6.20 -7.58
CA GLY B 8 7.66 5.62 -6.28
C GLY B 8 6.92 6.51 -5.30
N GLY B 9 7.01 6.11 -4.05
CA GLY B 9 6.35 6.80 -2.98
C GLY B 9 5.27 5.90 -2.45
N GLY B 10 4.61 6.32 -1.37
CA GLY B 10 3.51 5.59 -0.82
C GLY B 10 3.67 5.39 0.66
N LEU B 11 2.94 4.42 1.20
CA LEU B 11 2.91 4.17 2.61
C LEU B 11 3.69 2.89 2.93
N VAL B 12 4.49 2.95 4.00
CA VAL B 12 5.11 1.77 4.58
C VAL B 12 5.12 1.87 6.09
N GLN B 13 5.31 0.70 6.71
CA GLN B 13 5.40 0.59 8.14
C GLN B 13 6.83 0.92 8.56
N PRO B 14 7.03 1.39 9.78
CA PRO B 14 8.41 1.62 10.26
C PRO B 14 9.25 0.38 10.14
N GLY B 15 10.51 0.55 9.74
CA GLY B 15 11.38 -0.57 9.42
C GLY B 15 11.31 -1.01 7.96
N GLY B 16 10.33 -0.49 7.21
CA GLY B 16 10.14 -0.85 5.81
C GLY B 16 11.07 -0.12 4.87
N SER B 17 10.86 -0.37 3.57
CA SER B 17 11.70 0.19 2.51
C SER B 17 10.84 0.67 1.34
N LEU B 18 11.37 1.67 0.64
CA LEU B 18 10.78 2.15 -0.62
C LEU B 18 11.91 2.59 -1.53
N ARG B 19 11.64 2.58 -2.84
CA ARG B 19 12.67 3.04 -3.81
C ARG B 19 12.02 4.05 -4.68
N LEU B 20 12.65 5.22 -4.76
CA LEU B 20 12.20 6.31 -5.62
C LEU B 20 13.07 6.34 -6.84
N SER B 21 12.47 6.75 -7.96
CA SER B 21 13.25 6.94 -9.19
CA SER B 21 13.19 6.91 -9.24
C SER B 21 13.01 8.31 -9.78
N CYS B 22 14.05 8.80 -10.43
CA CYS B 22 14.06 10.11 -11.09
C CYS B 22 14.63 9.93 -12.48
N ALA B 23 13.79 10.05 -13.48
CA ALA B 23 14.22 9.92 -14.87
C ALA B 23 14.37 11.33 -15.47
N ALA B 24 15.58 11.63 -15.90
CA ALA B 24 15.92 12.90 -16.53
C ALA B 24 15.43 12.91 -17.98
N SER B 25 14.97 14.08 -18.39
CA SER B 25 14.58 14.36 -19.74
C SER B 25 15.20 15.71 -20.08
N GLY B 26 15.76 15.86 -21.27
CA GLY B 26 16.32 17.18 -21.66
C GLY B 26 17.75 17.46 -21.24
N PHE B 27 18.35 16.46 -20.58
CA PHE B 27 19.75 16.53 -20.21
C PHE B 27 20.23 15.14 -19.91
N ASN B 28 21.55 14.99 -19.82
CA ASN B 28 22.19 13.76 -19.39
CA ASN B 28 22.14 13.75 -19.39
C ASN B 28 22.56 13.89 -17.94
N ILE B 29 22.20 12.90 -17.13
CA ILE B 29 22.52 12.99 -15.69
C ILE B 29 24.01 13.05 -15.37
N LYS B 30 24.85 12.63 -16.30
CA LYS B 30 26.28 12.64 -16.04
C LYS B 30 26.83 14.07 -16.02
N ASP B 31 26.08 15.00 -16.59
CA ASP B 31 26.47 16.40 -16.60
C ASP B 31 26.46 17.13 -15.25
N THR B 32 25.81 16.57 -14.23
CA THR B 32 25.35 17.35 -13.09
C THR B 32 25.21 16.50 -11.80
N TYR B 33 24.99 17.16 -10.67
CA TYR B 33 24.59 16.48 -9.43
C TYR B 33 23.08 16.31 -9.54
N ILE B 34 22.59 15.15 -9.14
CA ILE B 34 21.19 14.90 -9.05
C ILE B 34 20.92 14.33 -7.68
N GLY B 35 19.77 14.65 -7.13
CA GLY B 35 19.52 14.26 -5.75
C GLY B 35 18.10 14.49 -5.35
N TRP B 36 17.86 14.31 -4.04
CA TRP B 36 16.56 14.49 -3.44
C TRP B 36 16.60 15.45 -2.25
N VAL B 37 15.48 16.15 -2.08
CA VAL B 37 15.21 17.06 -0.98
C VAL B 37 13.86 16.59 -0.46
N ARG B 38 13.63 16.76 0.83
CA ARG B 38 12.35 16.45 1.38
C ARG B 38 11.75 17.58 2.19
N ARG B 39 10.42 17.62 2.18
CA ARG B 39 9.60 18.63 2.86
C ARG B 39 8.65 17.90 3.79
N ALA B 40 9.02 17.85 5.07
CA ALA B 40 8.21 17.25 6.10
C ALA B 40 7.29 18.30 6.73
N PRO B 41 6.13 17.85 7.26
CA PRO B 41 5.17 18.77 7.89
C PRO B 41 5.77 19.59 9.02
N GLY B 42 5.62 20.92 8.97
CA GLY B 42 6.12 21.81 10.05
C GLY B 42 7.60 22.10 10.08
N LYS B 43 8.34 21.61 9.08
CA LYS B 43 9.79 21.74 9.03
C LYS B 43 10.13 22.49 7.77
N GLY B 44 11.33 23.05 7.73
CA GLY B 44 11.85 23.59 6.49
C GLY B 44 12.29 22.46 5.62
N GLU B 45 12.77 22.78 4.41
CA GLU B 45 13.29 21.75 3.52
C GLU B 45 14.52 21.13 4.12
N GLU B 46 14.77 19.88 3.73
CA GLU B 46 15.97 19.17 4.13
C GLU B 46 16.53 18.37 2.96
N TRP B 47 17.76 18.67 2.59
CA TRP B 47 18.45 17.93 1.55
C TRP B 47 18.71 16.51 2.10
N VAL B 48 18.50 15.49 1.24
CA VAL B 48 18.62 14.10 1.64
C VAL B 48 19.90 13.44 1.12
N ALA B 49 20.09 13.51 -0.19
CA ALA B 49 21.23 12.80 -0.81
C ALA B 49 21.43 13.34 -2.20
N SER B 50 22.67 13.25 -2.68
CA SER B 50 23.03 13.59 -4.08
C SER B 50 24.09 12.63 -4.60
N ILE B 51 24.09 12.49 -5.92
CA ILE B 51 25.06 11.72 -6.63
C ILE B 51 25.58 12.47 -7.82
N TYR B 52 26.86 12.27 -8.16
CA TYR B 52 27.44 12.85 -9.33
C TYR B 52 27.71 11.68 -10.29
N PRO B 53 26.76 11.37 -11.17
CA PRO B 53 26.85 10.10 -11.89
C PRO B 53 28.04 9.87 -12.79
N THR B 54 28.71 10.92 -13.24
CA THR B 54 29.92 10.73 -14.05
C THR B 54 30.96 9.87 -13.34
N ASN B 55 31.10 10.04 -12.03
CA ASN B 55 32.06 9.21 -11.28
C ASN B 55 31.47 8.39 -10.11
N GLY B 56 30.20 8.63 -9.82
CA GLY B 56 29.48 7.90 -8.80
C GLY B 56 29.60 8.44 -7.40
N TYR B 57 30.25 9.58 -7.23
CA TYR B 57 30.38 10.22 -5.92
C TYR B 57 29.03 10.44 -5.31
N THR B 58 28.86 10.08 -4.04
CA THR B 58 27.61 10.30 -3.31
C THR B 58 27.84 11.10 -2.02
N ARG B 59 26.79 11.81 -1.59
CA ARG B 59 26.84 12.54 -0.32
C ARG B 59 25.45 12.39 0.28
N TYR B 60 25.41 12.25 1.61
CA TYR B 60 24.18 12.02 2.33
C TYR B 60 24.06 12.94 3.51
N ALA B 61 22.83 13.36 3.82
CA ALA B 61 22.53 13.99 5.08
C ALA B 61 22.83 13.01 6.23
N ASP B 62 23.40 13.54 7.29
CA ASP B 62 23.65 12.72 8.51
C ASP B 62 22.42 11.95 8.97
N SER B 63 21.24 12.54 8.80
CA SER B 63 19.99 11.97 9.28
C SER B 63 19.56 10.68 8.56
N VAL B 64 20.15 10.39 7.39
CA VAL B 64 19.78 9.21 6.59
C VAL B 64 20.96 8.33 6.22
N LYS B 65 22.17 8.75 6.57
CA LYS B 65 23.37 8.01 6.25
C LYS B 65 23.27 6.61 6.86
N GLY B 66 23.61 5.61 6.07
CA GLY B 66 23.54 4.21 6.52
C GLY B 66 22.19 3.53 6.37
N ARG B 67 21.15 4.30 6.03
CA ARG B 67 19.82 3.78 5.76
C ARG B 67 19.42 3.96 4.31
N PHE B 68 19.78 5.11 3.75
CA PHE B 68 19.43 5.42 2.37
C PHE B 68 20.64 5.18 1.46
N THR B 69 20.37 4.76 0.22
CA THR B 69 21.43 4.64 -0.79
C THR B 69 20.97 5.26 -2.08
N ILE B 70 21.77 6.19 -2.59
CA ILE B 70 21.50 6.83 -3.87
C ILE B 70 22.38 6.20 -4.95
N SER B 71 21.80 6.02 -6.12
CA SER B 71 22.52 5.38 -7.22
C SER B 71 22.01 5.94 -8.52
N ALA B 72 22.72 5.60 -9.57
CA ALA B 72 22.32 6.09 -10.89
C ALA B 72 22.61 5.04 -11.94
N ASP B 73 21.78 5.01 -12.97
CA ASP B 73 22.01 4.13 -14.13
C ASP B 73 22.14 5.04 -15.30
N THR B 74 23.39 5.29 -15.71
CA THR B 74 23.60 6.23 -16.80
C THR B 74 23.02 5.68 -18.13
N SER B 75 22.93 4.36 -18.30
CA SER B 75 22.33 3.83 -19.53
C SER B 75 20.81 4.09 -19.62
N LYS B 76 20.17 4.35 -18.48
CA LYS B 76 18.74 4.70 -18.45
C LYS B 76 18.56 6.19 -18.13
N ASN B 77 19.67 6.90 -17.94
CA ASN B 77 19.56 8.31 -17.61
C ASN B 77 18.61 8.55 -16.42
N THR B 78 18.76 7.70 -15.41
CA THR B 78 17.85 7.64 -14.28
C THR B 78 18.65 7.51 -12.98
N ALA B 79 18.21 8.19 -11.92
CA ALA B 79 18.74 8.03 -10.57
C ALA B 79 17.72 7.39 -9.68
N TYR B 80 18.19 6.76 -8.60
CA TYR B 80 17.32 6.07 -7.68
C TYR B 80 17.69 6.37 -6.24
N LEU B 81 16.69 6.37 -5.35
CA LEU B 81 16.96 6.46 -3.94
C LEU B 81 16.32 5.25 -3.23
N GLN B 82 17.15 4.39 -2.66
CA GLN B 82 16.66 3.21 -1.95
C GLN B 82 16.61 3.63 -0.47
N MET B 83 15.41 3.64 0.12
CA MET B 83 15.21 4.12 1.46
C MET B 83 14.88 2.93 2.32
N ASN B 84 15.83 2.50 3.12
CA ASN B 84 15.66 1.33 3.97
C ASN B 84 15.55 1.76 5.42
N SER B 85 15.08 0.86 6.26
CA SER B 85 14.99 1.13 7.70
CA SER B 85 14.97 1.12 7.70
C SER B 85 14.24 2.43 7.99
N LEU B 86 13.10 2.60 7.33
CA LEU B 86 12.36 3.85 7.41
C LEU B 86 11.76 4.03 8.81
N ARG B 87 11.70 5.30 9.22
CA ARG B 87 11.23 5.75 10.50
C ARG B 87 10.12 6.77 10.30
N ALA B 88 9.28 6.95 11.31
CA ALA B 88 8.16 7.88 11.19
C ALA B 88 8.60 9.28 10.80
N GLU B 89 9.74 9.72 11.34
CA GLU B 89 10.26 11.05 11.03
C GLU B 89 10.79 11.20 9.59
N ASP B 90 10.83 10.11 8.85
CA ASP B 90 11.12 10.19 7.40
C ASP B 90 9.90 10.55 6.55
N THR B 91 8.71 10.59 7.16
CA THR B 91 7.49 10.99 6.42
C THR B 91 7.64 12.40 5.83
N ALA B 92 7.40 12.54 4.53
CA ALA B 92 7.59 13.82 3.86
C ALA B 92 7.29 13.71 2.39
N VAL B 93 7.19 14.85 1.74
CA VAL B 93 7.20 14.87 0.28
C VAL B 93 8.66 14.90 -0.15
N TYR B 94 9.06 13.94 -0.99
CA TYR B 94 10.41 13.86 -1.51
C TYR B 94 10.40 14.31 -2.94
N TYR B 95 11.33 15.18 -3.30
CA TYR B 95 11.40 15.63 -4.68
C TYR B 95 12.80 15.54 -5.22
N CYS B 96 12.89 15.10 -6.49
CA CYS B 96 14.15 15.00 -7.23
C CYS B 96 14.54 16.41 -7.72
N ALA B 97 15.83 16.66 -7.78
CA ALA B 97 16.33 17.96 -8.24
C ALA B 97 17.67 17.77 -8.86
N ARG B 98 17.98 18.68 -9.76
CA ARG B 98 19.36 18.78 -10.24
C ARG B 98 20.01 20.09 -9.86
N TRP B 99 21.31 20.02 -9.64
CA TRP B 99 22.10 21.17 -9.19
C TRP B 99 23.10 21.48 -10.28
N GLY B 100 22.62 22.16 -11.31
CA GLY B 100 23.46 22.59 -12.43
C GLY B 100 23.33 24.07 -12.76
N GLY B 101 22.83 24.85 -11.80
CA GLY B 101 22.53 26.27 -12.03
C GLY B 101 23.73 27.17 -11.94
N TYR B 105 26.65 25.17 -9.32
CA TYR B 105 25.84 24.00 -8.89
C TYR B 105 24.58 24.37 -8.09
N ALA B 106 23.93 25.47 -8.44
CA ALA B 106 22.67 25.84 -7.76
C ALA B 106 21.54 24.96 -8.26
N MET B 107 20.50 24.83 -7.46
CA MET B 107 19.38 23.96 -7.85
C MET B 107 18.67 24.66 -8.97
N ASP B 108 18.58 24.01 -10.13
CA ASP B 108 17.99 24.68 -11.28
C ASP B 108 16.75 24.06 -11.84
N TYR B 109 16.58 22.74 -11.62
CA TYR B 109 15.36 22.06 -12.03
C TYR B 109 14.98 21.06 -10.98
N TRP B 110 13.68 20.83 -10.86
CA TRP B 110 13.15 19.95 -9.83
C TRP B 110 11.83 19.34 -10.25
N GLY B 111 11.49 18.21 -9.61
CA GLY B 111 10.24 17.54 -9.83
C GLY B 111 9.22 18.02 -8.83
N GLN B 112 7.96 17.66 -9.06
CA GLN B 112 6.94 18.08 -8.14
C GLN B 112 6.82 17.16 -6.92
N GLY B 113 7.49 16.01 -6.95
CA GLY B 113 7.66 15.23 -5.73
C GLY B 113 6.70 14.07 -5.57
N THR B 114 6.89 13.35 -4.47
CA THR B 114 5.99 12.26 -4.15
C THR B 114 5.96 12.09 -2.63
N LEU B 115 4.77 11.83 -2.09
CA LEU B 115 4.61 11.60 -0.64
C LEU B 115 5.11 10.23 -0.24
N VAL B 116 5.89 10.20 0.81
CA VAL B 116 6.32 8.97 1.50
C VAL B 116 5.82 9.08 2.93
N THR B 117 4.98 8.13 3.34
CA THR B 117 4.42 8.12 4.68
C THR B 117 4.89 6.85 5.36
N VAL B 118 5.45 7.02 6.56
CA VAL B 118 5.92 5.91 7.38
C VAL B 118 5.11 5.92 8.67
N SER B 119 4.24 4.92 8.81
CA SER B 119 3.38 4.78 9.99
C SER B 119 3.07 3.32 10.27
N GLU C 1 -14.96 -21.93 22.91
CA GLU C 1 -15.90 -22.08 21.77
C GLU C 1 -15.47 -21.14 20.64
N VAL C 2 -15.28 -21.69 19.45
CA VAL C 2 -14.97 -20.85 18.27
C VAL C 2 -16.19 -20.00 17.92
N GLN C 3 -15.97 -18.70 17.71
CA GLN C 3 -17.05 -17.78 17.33
C GLN C 3 -16.47 -16.83 16.30
N LEU C 4 -17.32 -16.35 15.42
CA LEU C 4 -16.95 -15.35 14.42
C LEU C 4 -17.97 -14.26 14.59
N VAL C 5 -17.51 -13.04 14.82
CA VAL C 5 -18.46 -11.95 15.08
C VAL C 5 -18.31 -10.84 14.05
N GLU C 6 -19.36 -10.63 13.28
CA GLU C 6 -19.30 -9.77 12.14
C GLU C 6 -19.81 -8.39 12.47
N SER C 7 -19.29 -7.43 11.72
CA SER C 7 -19.79 -6.07 11.80
C SER C 7 -19.51 -5.36 10.51
N GLY C 8 -19.99 -4.13 10.39
CA GLY C 8 -19.70 -3.29 9.23
C GLY C 8 -20.77 -3.24 8.15
N GLY C 9 -21.90 -3.90 8.42
CA GLY C 9 -22.98 -3.90 7.44
C GLY C 9 -23.63 -2.55 7.38
N GLY C 10 -24.52 -2.36 6.43
CA GLY C 10 -25.17 -1.07 6.33
C GLY C 10 -25.95 -0.90 5.03
N LEU C 11 -26.23 0.35 4.75
CA LEU C 11 -27.05 0.73 3.59
C LEU C 11 -26.30 1.79 2.81
N VAL C 12 -26.05 1.52 1.53
CA VAL C 12 -25.40 2.47 0.64
C VAL C 12 -26.15 2.56 -0.68
N GLN C 13 -25.87 3.55 -1.52
CA GLN C 13 -26.35 3.54 -2.92
C GLN C 13 -25.39 2.82 -3.88
N PRO C 14 -25.89 2.40 -5.06
CA PRO C 14 -24.97 1.82 -6.01
C PRO C 14 -23.78 2.74 -6.25
N GLY C 15 -22.59 2.16 -6.28
CA GLY C 15 -21.37 2.92 -6.39
C GLY C 15 -20.67 3.15 -5.08
N GLY C 16 -21.37 2.97 -3.95
CA GLY C 16 -20.77 3.17 -2.63
C GLY C 16 -19.89 2.02 -2.14
N SER C 17 -19.39 2.18 -0.90
CA SER C 17 -18.49 1.20 -0.30
C SER C 17 -18.88 0.90 1.13
N LEU C 18 -18.47 -0.27 1.59
CA LEU C 18 -18.59 -0.69 3.01
C LEU C 18 -17.38 -1.52 3.33
N ARG C 19 -17.09 -1.69 4.61
CA ARG C 19 -16.01 -2.60 5.00
C ARG C 19 -16.53 -3.49 6.08
N LEU C 20 -16.60 -4.77 5.80
CA LEU C 20 -17.04 -5.72 6.80
C LEU C 20 -15.86 -6.13 7.62
N SER C 21 -16.13 -6.46 8.89
CA SER C 21 -15.08 -6.97 9.77
C SER C 21 -15.53 -8.29 10.39
N CYS C 22 -14.58 -9.18 10.58
CA CYS C 22 -14.85 -10.45 11.25
C CYS C 22 -13.79 -10.66 12.30
N ALA C 23 -14.20 -10.57 13.56
CA ALA C 23 -13.30 -10.80 14.68
C ALA C 23 -13.48 -12.24 15.17
N ALA C 24 -12.36 -12.95 15.18
CA ALA C 24 -12.30 -14.32 15.68
C ALA C 24 -12.30 -14.34 17.18
N SER C 25 -13.06 -15.27 17.73
CA SER C 25 -13.01 -15.58 19.14
C SER C 25 -12.78 -17.08 19.28
N GLY C 26 -11.93 -17.50 20.22
CA GLY C 26 -11.75 -18.93 20.48
C GLY C 26 -10.69 -19.60 19.64
N PHE C 27 -10.04 -18.81 18.80
CA PHE C 27 -8.97 -19.28 17.93
C PHE C 27 -8.18 -18.10 17.44
N ASN C 28 -7.02 -18.38 16.85
CA ASN C 28 -6.16 -17.37 16.23
C ASN C 28 -6.28 -17.53 14.72
N ILE C 29 -6.50 -16.45 14.00
CA ILE C 29 -6.71 -16.51 12.55
C ILE C 29 -5.49 -16.99 11.77
N LYS C 30 -4.31 -16.92 12.38
CA LYS C 30 -3.11 -17.46 11.71
C LYS C 30 -3.15 -18.98 11.48
N ASP C 31 -3.94 -19.71 12.26
CA ASP C 31 -4.15 -21.15 12.06
C ASP C 31 -5.10 -21.60 10.92
N THR C 32 -5.66 -20.66 10.15
CA THR C 32 -6.81 -20.94 9.31
C THR C 32 -6.81 -20.10 8.04
N TYR C 33 -7.72 -20.43 7.13
CA TYR C 33 -8.22 -19.48 6.19
C TYR C 33 -9.47 -18.86 6.81
N ILE C 34 -9.66 -17.58 6.54
CA ILE C 34 -10.84 -16.82 6.96
C ILE C 34 -11.42 -16.16 5.75
N GLY C 35 -12.73 -16.02 5.69
CA GLY C 35 -13.30 -15.40 4.49
C GLY C 35 -14.78 -15.19 4.61
N TRP C 36 -15.40 -14.90 3.47
CA TRP C 36 -16.81 -14.53 3.43
C TRP C 36 -17.57 -15.27 2.38
N VAL C 37 -18.84 -15.54 2.71
CA VAL C 37 -19.82 -16.10 1.81
C VAL C 37 -21.03 -15.17 1.86
N ARG C 38 -21.82 -15.12 0.79
CA ARG C 38 -23.01 -14.24 0.83
C ARG C 38 -24.24 -14.98 0.38
N ARG C 39 -25.38 -14.58 0.93
CA ARG C 39 -26.67 -15.14 0.53
C ARG C 39 -27.59 -13.99 0.17
N ALA C 40 -27.83 -13.88 -1.13
CA ALA C 40 -28.72 -12.88 -1.69
C ALA C 40 -30.16 -13.41 -1.69
N PRO C 41 -31.14 -12.51 -1.84
CA PRO C 41 -32.52 -12.97 -1.87
C PRO C 41 -32.78 -13.95 -3.03
N GLY C 42 -33.27 -15.14 -2.70
CA GLY C 42 -33.67 -16.13 -3.69
C GLY C 42 -32.54 -16.79 -4.47
N LYS C 43 -31.29 -16.54 -4.09
CA LYS C 43 -30.14 -17.20 -4.73
C LYS C 43 -29.45 -18.13 -3.74
N GLY C 44 -28.64 -19.03 -4.27
CA GLY C 44 -27.91 -19.97 -3.43
C GLY C 44 -26.73 -19.21 -2.86
N GLU C 45 -26.15 -19.71 -1.78
CA GLU C 45 -24.94 -19.10 -1.22
C GLU C 45 -23.85 -18.98 -2.28
N GLU C 46 -23.04 -17.94 -2.16
CA GLU C 46 -21.98 -17.66 -3.11
C GLU C 46 -20.74 -17.30 -2.30
N TRP C 47 -19.68 -18.08 -2.51
CA TRP C 47 -18.39 -17.74 -1.89
C TRP C 47 -17.86 -16.46 -2.51
N VAL C 48 -17.28 -15.59 -1.68
CA VAL C 48 -16.81 -14.28 -2.08
C VAL C 48 -15.29 -14.18 -2.09
N ALA C 49 -14.67 -14.50 -0.97
CA ALA C 49 -13.20 -14.36 -0.83
C ALA C 49 -12.71 -15.03 0.41
N SER C 50 -11.42 -15.36 0.40
CA SER C 50 -10.74 -15.94 1.54
CA SER C 50 -10.73 -15.92 1.55
C SER C 50 -9.29 -15.44 1.59
N ILE C 51 -8.73 -15.49 2.79
CA ILE C 51 -7.35 -15.09 3.07
C ILE C 51 -6.72 -16.04 4.08
N TYR C 52 -5.41 -16.24 3.92
CA TYR C 52 -4.62 -17.07 4.80
C TYR C 52 -3.73 -16.05 5.54
N PRO C 53 -4.15 -15.61 6.74
CA PRO C 53 -3.50 -14.47 7.40
C PRO C 53 -2.04 -14.63 7.77
N THR C 54 -1.54 -15.84 7.85
CA THR C 54 -0.13 -16.06 8.09
C THR C 54 0.80 -15.32 7.12
N ASN C 55 0.40 -15.27 5.86
CA ASN C 55 1.21 -14.62 4.83
C ASN C 55 0.45 -13.68 3.93
N GLY C 56 -0.85 -13.53 4.20
CA GLY C 56 -1.69 -12.61 3.45
C GLY C 56 -2.19 -13.08 2.12
N TYR C 57 -1.90 -14.33 1.75
CA TYR C 57 -2.38 -14.91 0.51
C TYR C 57 -3.91 -14.83 0.41
N THR C 58 -4.41 -14.40 -0.74
CA THR C 58 -5.84 -14.23 -0.94
C THR C 58 -6.38 -15.00 -2.14
N ARG C 59 -7.68 -15.28 -2.06
CA ARG C 59 -8.45 -15.84 -3.15
C ARG C 59 -9.76 -15.09 -3.29
N TYR C 60 -10.17 -14.84 -4.53
CA TYR C 60 -11.43 -14.14 -4.84
C TYR C 60 -12.28 -14.89 -5.87
N ALA C 61 -13.59 -14.80 -5.70
CA ALA C 61 -14.56 -15.14 -6.71
C ALA C 61 -14.46 -14.14 -7.87
N ASP C 62 -14.60 -14.63 -9.08
CA ASP C 62 -14.50 -13.76 -10.25
C ASP C 62 -15.53 -12.61 -10.18
N SER C 63 -16.68 -12.87 -9.61
CA SER C 63 -17.75 -11.89 -9.51
C SER C 63 -17.46 -10.65 -8.69
N VAL C 64 -16.39 -10.66 -7.87
CA VAL C 64 -16.05 -9.52 -7.06
C VAL C 64 -14.60 -9.05 -7.31
N LYS C 65 -13.88 -9.73 -8.20
CA LYS C 65 -12.47 -9.41 -8.43
C LYS C 65 -12.37 -7.96 -8.92
N GLY C 66 -11.45 -7.20 -8.35
CA GLY C 66 -11.25 -5.81 -8.77
C GLY C 66 -12.14 -4.80 -8.06
N ARG C 67 -13.10 -5.29 -7.29
CA ARG C 67 -14.03 -4.42 -6.55
C ARG C 67 -13.90 -4.62 -5.05
N PHE C 68 -13.70 -5.87 -4.66
CA PHE C 68 -13.59 -6.25 -3.26
C PHE C 68 -12.15 -6.56 -2.94
N THR C 69 -11.74 -6.23 -1.71
CA THR C 69 -10.39 -6.54 -1.24
C THR C 69 -10.49 -7.16 0.14
N ILE C 70 -9.95 -8.37 0.28
CA ILE C 70 -9.91 -9.02 1.63
C ILE C 70 -8.53 -8.80 2.26
N SER C 71 -8.52 -8.57 3.58
CA SER C 71 -7.30 -8.33 4.29
C SER C 71 -7.44 -8.85 5.69
N ALA C 72 -6.33 -8.88 6.41
CA ALA C 72 -6.37 -9.31 7.82
C ALA C 72 -5.36 -8.56 8.63
N ASP C 73 -5.67 -8.38 9.92
CA ASP C 73 -4.73 -7.78 10.87
C ASP C 73 -4.56 -8.80 11.98
N THR C 74 -3.44 -9.49 11.96
CA THR C 74 -3.23 -10.56 12.90
C THR C 74 -3.10 -10.05 14.33
N SER C 75 -2.69 -8.79 14.51
CA SER C 75 -2.59 -8.19 15.84
C SER C 75 -3.96 -7.95 16.44
N LYS C 76 -4.98 -7.87 15.60
CA LYS C 76 -6.36 -7.69 16.06
C LYS C 76 -7.14 -8.98 15.97
N ASN C 77 -6.51 -10.03 15.41
CA ASN C 77 -7.18 -11.29 15.21
C ASN C 77 -8.51 -11.11 14.45
N THR C 78 -8.44 -10.27 13.41
CA THR C 78 -9.62 -9.77 12.70
C THR C 78 -9.30 -9.76 11.18
N ALA C 79 -10.32 -10.07 10.39
CA ALA C 79 -10.26 -10.02 8.94
C ALA C 79 -11.25 -8.96 8.44
N TYR C 80 -10.99 -8.43 7.26
CA TYR C 80 -11.81 -7.36 6.71
C TYR C 80 -12.14 -7.65 5.27
N LEU C 81 -13.31 -7.20 4.83
CA LEU C 81 -13.66 -7.23 3.41
C LEU C 81 -14.06 -5.79 2.99
N GLN C 82 -13.16 -5.11 2.29
CA GLN C 82 -13.44 -3.80 1.69
C GLN C 82 -14.22 -4.03 0.39
N MET C 83 -15.43 -3.47 0.33
CA MET C 83 -16.34 -3.62 -0.77
C MET C 83 -16.56 -2.28 -1.43
N ASN C 84 -15.91 -2.07 -2.55
CA ASN C 84 -16.09 -0.89 -3.38
C ASN C 84 -16.97 -1.15 -4.58
N SER C 85 -17.47 -0.05 -5.16
CA SER C 85 -18.28 -0.09 -6.38
C SER C 85 -19.44 -1.08 -6.26
N LEU C 86 -20.17 -0.94 -5.17
CA LEU C 86 -21.25 -1.87 -4.88
C LEU C 86 -22.38 -1.68 -5.92
N ARG C 87 -23.04 -2.78 -6.24
CA ARG C 87 -24.13 -2.82 -7.20
C ARG C 87 -25.34 -3.35 -6.49
N ALA C 88 -26.54 -3.07 -6.99
CA ALA C 88 -27.74 -3.58 -6.35
C ALA C 88 -27.65 -5.10 -6.16
N GLU C 89 -27.05 -5.77 -7.14
CA GLU C 89 -26.83 -7.23 -7.14
C GLU C 89 -26.02 -7.77 -5.98
N ASP C 90 -25.29 -6.89 -5.29
CA ASP C 90 -24.43 -7.25 -4.15
C ASP C 90 -25.20 -7.22 -2.83
N THR C 91 -26.46 -6.79 -2.89
CA THR C 91 -27.31 -6.83 -1.70
C THR C 91 -27.47 -8.27 -1.23
N ALA C 92 -27.19 -8.53 0.04
CA ALA C 92 -27.16 -9.88 0.56
C ALA C 92 -26.81 -9.88 2.03
N VAL C 93 -27.01 -11.02 2.68
CA VAL C 93 -26.41 -11.26 4.00
C VAL C 93 -25.00 -11.81 3.72
N TYR C 94 -24.00 -11.18 4.31
CA TYR C 94 -22.62 -11.64 4.17
C TYR C 94 -22.26 -12.29 5.47
N TYR C 95 -21.72 -13.50 5.42
CA TYR C 95 -21.23 -14.05 6.66
C TYR C 95 -19.78 -14.50 6.58
N CYS C 96 -19.13 -14.36 7.72
CA CYS C 96 -17.75 -14.74 7.86
C CYS C 96 -17.67 -16.23 8.16
N ALA C 97 -16.64 -16.87 7.65
CA ALA C 97 -16.44 -18.30 7.80
C ALA C 97 -14.97 -18.56 7.99
N ARG C 98 -14.68 -19.65 8.71
CA ARG C 98 -13.36 -20.16 8.84
C ARG C 98 -13.24 -21.49 8.09
N TRP C 99 -12.12 -21.71 7.42
CA TRP C 99 -11.79 -22.99 6.83
C TRP C 99 -10.59 -23.53 7.61
N GLY C 100 -10.78 -24.63 8.33
CA GLY C 100 -9.71 -25.22 9.11
C GLY C 100 -9.28 -26.61 8.65
N GLY C 101 -8.13 -27.02 9.16
CA GLY C 101 -7.63 -28.38 8.91
C GLY C 101 -6.11 -28.42 8.91
N ASP C 102 -5.56 -29.62 8.78
CA ASP C 102 -4.11 -29.81 8.80
C ASP C 102 -3.54 -29.73 7.37
N GLY C 103 -3.57 -28.54 6.77
CA GLY C 103 -3.01 -28.32 5.42
C GLY C 103 -3.98 -28.46 4.25
N PHE C 104 -5.14 -29.05 4.52
CA PHE C 104 -6.27 -29.05 3.61
C PHE C 104 -7.41 -28.51 4.43
N TYR C 105 -8.02 -27.46 3.93
CA TYR C 105 -8.92 -26.62 4.73
C TYR C 105 -10.37 -26.86 4.36
N ALA C 106 -11.23 -26.96 5.37
CA ALA C 106 -12.67 -27.20 5.18
C ALA C 106 -13.47 -26.25 6.07
N MET C 107 -14.70 -25.93 5.66
CA MET C 107 -15.44 -24.86 6.33
C MET C 107 -16.08 -25.38 7.61
N ASP C 108 -15.43 -25.09 8.73
CA ASP C 108 -15.83 -25.72 9.98
C ASP C 108 -16.66 -24.87 10.95
N TYR C 109 -16.59 -23.56 10.77
CA TYR C 109 -17.36 -22.59 11.58
C TYR C 109 -17.68 -21.35 10.76
N TRP C 110 -18.77 -20.71 11.13
CA TRP C 110 -19.22 -19.54 10.42
C TRP C 110 -20.07 -18.68 11.33
N GLY C 111 -20.19 -17.41 10.95
CA GLY C 111 -20.99 -16.44 11.70
C GLY C 111 -22.41 -16.44 11.22
N GLN C 112 -23.26 -15.68 11.91
CA GLN C 112 -24.64 -15.60 11.52
C GLN C 112 -24.91 -14.54 10.44
N GLY C 113 -23.93 -13.69 10.18
CA GLY C 113 -23.98 -12.77 9.05
C GLY C 113 -24.43 -11.36 9.38
N THR C 114 -24.23 -10.47 8.42
CA THR C 114 -24.61 -9.07 8.54
C THR C 114 -25.21 -8.62 7.22
N LEU C 115 -26.25 -7.80 7.27
CA LEU C 115 -26.91 -7.34 6.03
C LEU C 115 -26.16 -6.18 5.39
N VAL C 116 -26.00 -6.28 4.07
CA VAL C 116 -25.50 -5.22 3.20
C VAL C 116 -26.61 -4.92 2.19
N THR C 117 -27.10 -3.69 2.18
CA THR C 117 -28.17 -3.31 1.22
C THR C 117 -27.64 -2.22 0.34
N VAL C 118 -27.74 -2.43 -0.97
CA VAL C 118 -27.34 -1.45 -1.96
C VAL C 118 -28.58 -1.06 -2.74
N SER C 119 -29.01 0.19 -2.58
CA SER C 119 -30.19 0.70 -3.32
C SER C 119 -30.12 2.21 -3.48
N GLU D 1 16.83 -23.74 17.74
CA GLU D 1 15.92 -23.90 16.59
C GLU D 1 16.26 -22.92 15.48
N VAL D 2 16.41 -23.42 14.27
CA VAL D 2 16.56 -22.53 13.10
C VAL D 2 15.24 -21.86 12.79
N GLN D 3 15.27 -20.55 12.61
CA GLN D 3 14.11 -19.80 12.20
C GLN D 3 14.53 -18.85 11.09
N LEU D 4 13.61 -18.61 10.18
CA LEU D 4 13.81 -17.63 9.11
C LEU D 4 12.64 -16.65 9.21
N VAL D 5 12.93 -15.39 9.55
CA VAL D 5 11.90 -14.37 9.77
C VAL D 5 11.90 -13.40 8.58
N GLU D 6 10.79 -13.39 7.86
CA GLU D 6 10.65 -12.64 6.63
C GLU D 6 9.90 -11.34 6.87
N SER D 7 10.18 -10.37 6.01
CA SER D 7 9.40 -9.13 5.96
C SER D 7 9.53 -8.53 4.59
N GLY D 8 8.68 -7.54 4.36
CA GLY D 8 8.55 -6.93 3.10
C GLY D 8 7.36 -7.62 2.48
N GLY D 9 7.09 -7.30 1.25
CA GLY D 9 5.96 -7.87 0.56
C GLY D 9 4.90 -6.80 0.56
N GLY D 10 3.85 -7.07 -0.20
CA GLY D 10 2.75 -6.12 -0.39
C GLY D 10 2.41 -5.96 -1.85
N LEU D 11 1.77 -4.85 -2.18
CA LEU D 11 1.24 -4.64 -3.49
C LEU D 11 1.99 -3.50 -4.18
N VAL D 12 2.35 -3.71 -5.44
CA VAL D 12 2.91 -2.66 -6.28
C VAL D 12 2.35 -2.74 -7.68
N GLN D 13 2.51 -1.66 -8.45
CA GLN D 13 2.14 -1.66 -9.86
C GLN D 13 3.28 -2.23 -10.68
N PRO D 14 2.97 -2.79 -11.87
CA PRO D 14 4.04 -3.24 -12.74
C PRO D 14 5.08 -2.14 -12.98
N GLY D 15 6.35 -2.55 -12.99
CA GLY D 15 7.46 -1.61 -13.09
C GLY D 15 7.95 -1.16 -11.74
N GLY D 16 7.20 -1.49 -10.70
CA GLY D 16 7.57 -1.07 -9.36
C GLY D 16 8.61 -1.97 -8.71
N SER D 17 8.91 -1.68 -7.45
CA SER D 17 9.91 -2.43 -6.72
C SER D 17 9.47 -2.78 -5.31
N LEU D 18 10.05 -3.87 -4.79
CA LEU D 18 9.85 -4.26 -3.39
C LEU D 18 11.15 -4.87 -2.91
N ARG D 19 11.39 -4.79 -1.60
CA ARG D 19 12.60 -5.42 -1.01
C ARG D 19 12.13 -6.36 0.08
N LEU D 20 12.46 -7.64 -0.09
CA LEU D 20 12.20 -8.61 0.96
C LEU D 20 13.46 -8.81 1.83
N SER D 21 13.25 -9.08 3.11
CA SER D 21 14.34 -9.45 3.99
CA SER D 21 14.31 -9.40 4.04
C SER D 21 14.04 -10.73 4.72
N CYS D 22 15.12 -11.44 5.06
CA CYS D 22 15.02 -12.69 5.82
C CYS D 22 16.07 -12.67 6.93
N ALA D 23 15.60 -12.58 8.16
CA ALA D 23 16.47 -12.52 9.33
C ALA D 23 16.63 -13.93 9.86
N ALA D 24 17.85 -14.46 9.77
CA ALA D 24 18.16 -15.82 10.23
C ALA D 24 18.33 -15.84 11.72
N SER D 25 17.83 -16.88 12.37
CA SER D 25 18.23 -17.15 13.74
C SER D 25 18.45 -18.64 13.95
N GLY D 26 19.32 -18.95 14.87
CA GLY D 26 19.69 -20.34 15.13
C GLY D 26 20.83 -20.82 14.29
N PHE D 27 21.34 -19.96 13.42
CA PHE D 27 22.52 -20.25 12.60
C PHE D 27 23.15 -18.99 12.10
N ASN D 28 24.38 -19.10 11.58
CA ASN D 28 25.06 -18.01 10.90
CA ASN D 28 25.02 -18.00 10.90
C ASN D 28 24.86 -18.19 9.39
N ILE D 29 24.39 -17.16 8.72
CA ILE D 29 24.14 -17.26 7.26
C ILE D 29 25.41 -17.57 6.46
N LYS D 30 26.57 -17.23 7.00
CA LYS D 30 27.85 -17.53 6.31
C LYS D 30 28.08 -19.03 6.11
N ASP D 31 27.48 -19.84 6.95
CA ASP D 31 27.65 -21.26 6.90
C ASP D 31 26.86 -21.96 5.78
N THR D 32 25.93 -21.27 5.10
CA THR D 32 24.99 -21.93 4.19
C THR D 32 24.61 -21.09 2.96
N TYR D 33 23.84 -21.68 2.05
CA TYR D 33 23.15 -20.92 1.03
C TYR D 33 21.85 -20.47 1.64
N ILE D 34 21.48 -19.24 1.35
CA ILE D 34 20.19 -18.66 1.79
C ILE D 34 19.53 -17.94 0.61
N GLY D 35 18.22 -17.98 0.56
CA GLY D 35 17.56 -17.37 -0.59
C GLY D 35 16.05 -17.49 -0.53
N TRP D 36 15.43 -17.48 -1.71
CA TRP D 36 13.97 -17.42 -1.83
C TRP D 36 13.43 -18.37 -2.86
N VAL D 37 12.26 -18.91 -2.56
CA VAL D 37 11.46 -19.70 -3.46
C VAL D 37 10.10 -19.00 -3.53
N ARG D 38 9.35 -19.27 -4.57
CA ARG D 38 8.02 -18.64 -4.68
C ARG D 38 7.01 -19.64 -5.12
N ARG D 39 5.75 -19.38 -4.74
CA ARG D 39 4.63 -20.15 -5.25
C ARG D 39 3.59 -19.23 -5.86
N ALA D 40 3.51 -19.30 -7.20
CA ALA D 40 2.60 -18.46 -7.97
C ALA D 40 1.30 -19.24 -8.22
N PRO D 41 0.17 -18.52 -8.39
CA PRO D 41 -1.11 -19.16 -8.76
C PRO D 41 -0.97 -20.24 -9.84
N GLY D 42 -1.33 -21.47 -9.49
CA GLY D 42 -1.39 -22.57 -10.45
C GLY D 42 -0.06 -23.07 -10.96
N LYS D 43 1.03 -22.59 -10.37
CA LYS D 43 2.37 -23.04 -10.74
C LYS D 43 2.93 -23.84 -9.58
N GLY D 44 4.02 -24.55 -9.85
CA GLY D 44 4.70 -25.29 -8.79
C GLY D 44 5.59 -24.37 -7.95
N GLU D 45 6.28 -24.98 -7.00
CA GLU D 45 7.34 -24.30 -6.25
C GLU D 45 8.44 -23.90 -7.24
N GLU D 46 8.89 -22.64 -7.21
CA GLU D 46 9.96 -22.18 -8.13
C GLU D 46 11.07 -21.56 -7.32
N TRP D 47 12.30 -22.06 -7.47
CA TRP D 47 13.41 -21.45 -6.75
C TRP D 47 13.80 -20.13 -7.48
N VAL D 48 13.97 -19.04 -6.74
CA VAL D 48 14.13 -17.71 -7.35
C VAL D 48 15.57 -17.20 -7.33
N ALA D 49 16.21 -17.29 -6.18
CA ALA D 49 17.59 -16.78 -6.04
C ALA D 49 18.24 -17.32 -4.81
N SER D 50 19.57 -17.42 -4.82
CA SER D 50 20.26 -17.74 -3.62
C SER D 50 21.64 -17.10 -3.54
N ILE D 51 22.17 -17.04 -2.33
CA ILE D 51 23.47 -16.48 -2.07
C ILE D 51 24.21 -17.29 -1.05
N TYR D 52 25.54 -17.34 -1.23
CA TYR D 52 26.44 -18.01 -0.32
C TYR D 52 27.22 -16.87 0.32
N PRO D 53 26.75 -16.39 1.47
CA PRO D 53 27.34 -15.15 1.94
C PRO D 53 28.83 -15.15 2.32
N THR D 54 29.40 -16.30 2.65
CA THR D 54 30.86 -16.40 2.86
C THR D 54 31.68 -15.82 1.71
N ASN D 55 31.24 -16.05 0.50
CA ASN D 55 32.03 -15.55 -0.66
C ASN D 55 31.27 -14.72 -1.68
N GLY D 56 29.98 -14.51 -1.44
CA GLY D 56 29.12 -13.66 -2.29
C GLY D 56 28.57 -14.29 -3.57
N TYR D 57 28.79 -15.57 -3.76
CA TYR D 57 28.32 -16.26 -4.94
C TYR D 57 26.80 -16.17 -4.93
N THR D 58 26.23 -15.80 -6.08
CA THR D 58 24.78 -15.68 -6.25
C THR D 58 24.31 -16.54 -7.43
N ARG D 59 23.04 -16.99 -7.36
CA ARG D 59 22.39 -17.71 -8.43
C ARG D 59 21.01 -17.14 -8.59
N TYR D 60 20.55 -17.02 -9.83
CA TYR D 60 19.19 -16.54 -10.11
C TYR D 60 18.48 -17.45 -11.11
N ALA D 61 17.16 -17.55 -10.94
CA ALA D 61 16.30 -18.15 -11.97
C ALA D 61 16.36 -17.26 -13.21
N ASP D 62 16.32 -17.87 -14.37
CA ASP D 62 16.36 -17.14 -15.65
C ASP D 62 15.25 -16.08 -15.74
N SER D 63 14.10 -16.37 -15.18
CA SER D 63 12.94 -15.49 -15.25
C SER D 63 13.12 -14.15 -14.50
N VAL D 64 14.09 -14.07 -13.59
CA VAL D 64 14.32 -12.86 -12.79
C VAL D 64 15.71 -12.24 -12.96
N LYS D 65 16.57 -12.88 -13.76
CA LYS D 65 17.93 -12.35 -14.00
C LYS D 65 17.83 -10.91 -14.50
N GLY D 66 18.60 -10.00 -13.91
CA GLY D 66 18.62 -8.60 -14.38
C GLY D 66 17.61 -7.68 -13.72
N ARG D 67 16.64 -8.27 -13.02
CA ARG D 67 15.63 -7.49 -12.35
C ARG D 67 15.72 -7.62 -10.84
N PHE D 68 16.05 -8.84 -10.39
CA PHE D 68 16.13 -9.15 -8.96
C PHE D 68 17.60 -9.21 -8.58
N THR D 69 17.91 -8.75 -7.38
CA THR D 69 19.25 -8.81 -6.83
C THR D 69 19.20 -9.33 -5.40
N ILE D 70 19.95 -10.39 -5.15
CA ILE D 70 20.05 -10.97 -3.79
C ILE D 70 21.33 -10.52 -3.12
N SER D 71 21.24 -10.19 -1.82
CA SER D 71 22.38 -9.71 -1.08
C SER D 71 22.29 -10.18 0.34
N ALA D 72 23.38 -10.03 1.06
CA ALA D 72 23.42 -10.46 2.45
C ALA D 72 24.21 -9.46 3.27
N ASP D 73 23.82 -9.30 4.53
CA ASP D 73 24.60 -8.51 5.49
C ASP D 73 25.01 -9.46 6.60
N THR D 74 26.26 -9.93 6.53
CA THR D 74 26.73 -10.89 7.52
C THR D 74 26.71 -10.29 8.92
N SER D 75 26.96 -8.99 9.02
CA SER D 75 26.92 -8.29 10.32
C SER D 75 25.51 -8.28 10.92
N LYS D 76 24.47 -8.38 10.08
CA LYS D 76 23.10 -8.44 10.59
C LYS D 76 22.51 -9.85 10.55
N ASN D 77 23.27 -10.82 10.04
CA ASN D 77 22.77 -12.18 9.84
C ASN D 77 21.43 -12.23 9.04
N THR D 78 21.37 -11.40 7.99
CA THR D 78 20.15 -11.14 7.26
C THR D 78 20.43 -11.15 5.75
N ALA D 79 19.53 -11.73 4.96
CA ALA D 79 19.59 -11.63 3.51
C ALA D 79 18.47 -10.76 2.98
N TYR D 80 18.65 -10.28 1.76
CA TYR D 80 17.68 -9.40 1.15
C TYR D 80 17.47 -9.77 -0.30
N LEU D 81 16.25 -9.51 -0.79
CA LEU D 81 15.98 -9.62 -2.22
C LEU D 81 15.37 -8.30 -2.70
N GLN D 82 16.10 -7.61 -3.56
CA GLN D 82 15.62 -6.36 -4.13
C GLN D 82 14.97 -6.74 -5.45
N MET D 83 13.66 -6.53 -5.55
CA MET D 83 12.93 -6.90 -6.72
C MET D 83 12.51 -5.65 -7.47
N ASN D 84 13.20 -5.35 -8.56
CA ASN D 84 12.89 -4.21 -9.41
C ASN D 84 12.22 -4.66 -10.70
N SER D 85 11.65 -3.69 -11.40
CA SER D 85 10.97 -3.92 -12.67
C SER D 85 9.98 -5.06 -12.55
N LEU D 86 9.17 -5.02 -11.50
CA LEU D 86 8.25 -6.11 -11.27
C LEU D 86 7.22 -6.27 -12.39
N ARG D 87 6.83 -7.54 -12.62
CA ARG D 87 5.90 -7.92 -13.64
C ARG D 87 4.72 -8.63 -12.98
N ALA D 88 3.57 -8.60 -13.63
CA ALA D 88 2.38 -9.29 -13.12
C ALA D 88 2.66 -10.76 -12.79
N GLU D 89 3.50 -11.40 -13.62
CA GLU D 89 3.90 -12.80 -13.46
C GLU D 89 4.73 -13.06 -12.19
N ASP D 90 5.24 -12.01 -11.56
CA ASP D 90 6.00 -12.15 -10.33
C ASP D 90 5.08 -12.25 -9.10
N THR D 91 3.78 -12.05 -9.29
CA THR D 91 2.83 -12.20 -8.20
C THR D 91 2.90 -13.64 -7.64
N ALA D 92 3.13 -13.76 -6.34
CA ALA D 92 3.35 -15.07 -5.73
C ALA D 92 3.50 -14.90 -4.23
N VAL D 93 3.41 -15.99 -3.48
CA VAL D 93 3.93 -15.98 -2.12
C VAL D 93 5.41 -16.32 -2.18
N TYR D 94 6.23 -15.47 -1.57
CA TYR D 94 7.69 -15.66 -1.55
C TYR D 94 8.10 -16.18 -0.18
N TYR D 95 8.93 -17.22 -0.18
CA TYR D 95 9.40 -17.84 1.06
C TYR D 95 10.90 -17.81 1.15
N CYS D 96 11.42 -17.41 2.30
CA CYS D 96 12.87 -17.44 2.54
C CYS D 96 13.17 -18.92 2.77
N ALA D 97 14.36 -19.34 2.36
CA ALA D 97 14.75 -20.76 2.48
C ALA D 97 16.25 -20.83 2.68
N ARG D 98 16.69 -21.93 3.25
CA ARG D 98 18.09 -22.24 3.30
C ARG D 98 18.36 -23.61 2.74
N TRP D 99 19.51 -23.73 2.10
CA TRP D 99 19.97 -24.93 1.50
C TRP D 99 21.25 -25.20 2.26
N GLY D 100 21.12 -26.02 3.29
CA GLY D 100 22.22 -26.26 4.19
C GLY D 100 22.29 -27.71 4.61
N GLY D 101 21.71 -28.59 3.79
CA GLY D 101 21.81 -30.02 4.03
C GLY D 101 23.22 -30.50 3.76
N PHE D 104 25.02 -32.05 -1.00
CA PHE D 104 24.13 -31.82 -2.13
C PHE D 104 23.06 -30.74 -1.87
N TYR D 105 23.19 -30.05 -0.74
CA TYR D 105 22.49 -28.79 -0.46
C TYR D 105 20.98 -28.85 -0.55
N ALA D 106 20.43 -29.81 0.17
CA ALA D 106 18.99 -29.93 0.28
C ALA D 106 18.40 -28.70 0.98
N MET D 107 17.16 -28.37 0.65
CA MET D 107 16.48 -27.23 1.24
C MET D 107 15.96 -27.64 2.59
N ASP D 108 16.68 -27.30 3.63
CA ASP D 108 16.36 -27.88 4.94
C ASP D 108 15.43 -27.07 5.85
N TYR D 109 15.26 -25.81 5.52
CA TYR D 109 14.34 -24.93 6.26
C TYR D 109 13.73 -23.92 5.33
N TRP D 110 12.49 -23.53 5.62
CA TRP D 110 11.86 -22.38 4.92
C TRP D 110 10.94 -21.64 5.86
N GLY D 111 10.66 -20.40 5.48
CA GLY D 111 9.78 -19.52 6.26
C GLY D 111 8.31 -19.69 5.92
N GLN D 112 7.50 -18.88 6.60
CA GLN D 112 6.06 -18.91 6.46
C GLN D 112 5.54 -18.16 5.25
N GLY D 113 6.36 -17.26 4.69
CA GLY D 113 6.03 -16.62 3.42
C GLY D 113 5.48 -15.21 3.54
N THR D 114 5.55 -14.50 2.43
CA THR D 114 4.96 -13.19 2.32
C THR D 114 4.44 -13.00 0.90
N LEU D 115 3.18 -12.54 0.81
CA LEU D 115 2.52 -12.28 -0.49
C LEU D 115 3.10 -11.04 -1.15
N VAL D 116 3.40 -11.16 -2.45
CA VAL D 116 3.84 -10.08 -3.29
C VAL D 116 2.83 -10.05 -4.45
N THR D 117 2.13 -8.93 -4.60
CA THR D 117 1.12 -8.77 -5.65
C THR D 117 1.53 -7.64 -6.58
N VAL D 118 1.58 -7.92 -7.87
CA VAL D 118 1.96 -6.93 -8.86
C VAL D 118 0.75 -6.73 -9.75
N SER D 119 0.05 -5.62 -9.56
CA SER D 119 -1.24 -5.38 -10.23
C SER D 119 -1.35 -3.94 -10.69
#